data_4JHG
#
_entry.id   4JHG
#
_cell.length_a   96.110
_cell.length_b   96.110
_cell.length_c   113.244
_cell.angle_alpha   90.000
_cell.angle_beta   90.000
_cell.angle_gamma   120.000
#
_symmetry.space_group_name_H-M   'P 62 2 2'
#
loop_
_entity.id
_entity.type
_entity.pdbx_description
1 polymer 'MtN13 protein'
2 non-polymer (2E)-2-methyl-4-(9H-purin-6-ylamino)but-2-en-1-ol
3 non-polymer 'MALONATE ION'
4 non-polymer 'SODIUM ION'
5 water water
#
_entity_poly.entity_id   1
_entity_poly.type   'polypeptide(L)'
_entity_poly.pdbx_seq_one_letter_code
;IDPFTMGVITSESEYVSSLSAEKLYRGIVEDGNIIYPKALPRFIEKAETLEGDGGPGTIKKLTFVGDFGSTKQHIDMVDR
ENCAYTYSVYEGIALSDQPLEKIVFEFKLVPTPEEGCIVKSTTKYYTKGDDIELSKDYLEAGIERFEGFTKAVESFLLAN
PDYNKDSN
;
_entity_poly.pdbx_strand_id   A
#
loop_
_chem_comp.id
_chem_comp.type
_chem_comp.name
_chem_comp.formula
MLI non-polymer 'MALONATE ION' 'C3 H2 O4 -2'
NA non-polymer 'SODIUM ION' 'Na 1'
ZEA non-polymer (2E)-2-methyl-4-(9H-purin-6-ylamino)but-2-en-1-ol 'C10 H13 N5 O'
#
# COMPACT_ATOMS: atom_id res chain seq x y z
N ILE A 1 37.64 1.00 -5.45
CA ILE A 1 37.41 2.01 -6.52
C ILE A 1 35.93 2.15 -6.88
N ASP A 2 35.15 1.07 -6.76
CA ASP A 2 33.73 1.12 -7.14
C ASP A 2 32.77 0.49 -6.13
N PRO A 3 32.15 1.34 -5.35
CA PRO A 3 31.32 0.82 -4.28
C PRO A 3 29.97 0.31 -4.79
N PHE A 4 29.35 -0.54 -4.01
CA PHE A 4 27.93 -0.84 -4.17
C PHE A 4 27.11 0.15 -3.39
N THR A 5 26.21 0.84 -4.05
CA THR A 5 25.48 1.87 -3.36
C THR A 5 24.00 1.65 -3.47
N MET A 6 23.30 1.83 -2.39
CA MET A 6 21.84 1.76 -2.41
C MET A 6 21.18 2.73 -1.46
N GLY A 7 20.11 3.38 -1.89
CA GLY A 7 19.39 4.24 -0.99
C GLY A 7 18.06 3.64 -0.62
N VAL A 8 17.69 3.88 0.61
CA VAL A 8 16.40 3.50 1.11
C VAL A 8 15.74 4.76 1.64
N ILE A 9 14.70 5.22 0.96
CA ILE A 9 14.08 6.47 1.36
C ILE A 9 12.72 6.16 1.96
N THR A 10 12.54 6.52 3.21
CA THR A 10 11.37 6.16 3.97
C THR A 10 10.52 7.40 4.23
N SER A 11 9.23 7.29 3.89
CA SER A 11 8.23 8.35 4.17
C SER A 11 7.15 7.82 5.13
N GLU A 12 6.87 8.56 6.19
CA GLU A 12 5.90 8.13 7.24
C GLU A 12 4.81 9.16 7.38
N SER A 13 3.57 8.68 7.41
CA SER A 13 2.40 9.49 7.56
C SER A 13 1.44 8.80 8.52
N GLU A 14 0.69 9.59 9.27
CA GLU A 14 -0.29 9.01 10.20
C GLU A 14 -1.58 9.75 10.09
N TYR A 15 -2.67 9.05 10.39
CA TYR A 15 -3.89 9.78 10.66
C TYR A 15 -4.78 8.95 11.53
N VAL A 16 -5.77 9.59 12.12
CA VAL A 16 -6.61 8.90 13.08
C VAL A 16 -7.93 8.56 12.41
N SER A 17 -8.29 7.27 12.49
CA SER A 17 -9.52 6.75 11.93
C SER A 17 -10.53 6.60 13.02
N SER A 18 -11.81 6.75 12.71
CA SER A 18 -12.82 6.48 13.73
C SER A 18 -13.21 5.00 13.66
N LEU A 19 -12.82 4.32 12.60
CA LEU A 19 -13.12 2.91 12.45
C LEU A 19 -12.08 2.11 13.25
N SER A 20 -12.49 0.97 13.79
CA SER A 20 -11.58 0.17 14.60
C SER A 20 -10.47 -0.45 13.77
N ALA A 21 -9.33 -0.67 14.42
CA ALA A 21 -8.19 -1.30 13.78
C ALA A 21 -8.62 -2.61 13.13
N GLU A 22 -9.32 -3.44 13.92
CA GLU A 22 -9.76 -4.74 13.44
C GLU A 22 -10.60 -4.68 12.14
N LYS A 23 -11.58 -3.80 12.12
CA LYS A 23 -12.45 -3.66 10.95
C LYS A 23 -11.71 -3.13 9.74
N LEU A 24 -10.88 -2.12 9.93
CA LEU A 24 -10.16 -1.53 8.82
C LEU A 24 -9.19 -2.56 8.24
N TYR A 25 -8.53 -3.29 9.13
CA TYR A 25 -7.57 -4.28 8.69
C TYR A 25 -8.24 -5.36 7.83
N ARG A 26 -9.36 -5.87 8.30
CA ARG A 26 -10.13 -6.89 7.59
C ARG A 26 -10.56 -6.41 6.24
N GLY A 27 -11.07 -5.18 6.19
CA GLY A 27 -11.47 -4.56 4.94
C GLY A 27 -10.39 -4.59 3.87
N ILE A 28 -9.20 -4.17 4.22
CA ILE A 28 -8.12 -4.07 3.26
C ILE A 28 -7.47 -5.38 2.96
N VAL A 29 -7.12 -6.11 4.01
CA VAL A 29 -6.26 -7.26 3.87
C VAL A 29 -7.02 -8.53 3.53
N GLU A 30 -8.11 -8.78 4.24
CA GLU A 30 -8.82 -10.04 4.06
C GLU A 30 -9.88 -9.94 2.97
N ASP A 31 -10.48 -8.76 2.84
CA ASP A 31 -11.69 -8.58 2.03
C ASP A 31 -11.42 -7.59 0.90
N GLY A 32 -10.15 -7.31 0.67
CA GLY A 32 -9.76 -6.33 -0.35
C GLY A 32 -10.28 -6.61 -1.73
N ASN A 33 -10.28 -7.88 -2.10
CA ASN A 33 -10.65 -8.24 -3.45
C ASN A 33 -12.06 -7.79 -3.75
N ILE A 34 -12.89 -7.70 -2.72
CA ILE A 34 -14.26 -7.22 -2.85
C ILE A 34 -14.36 -5.72 -2.53
N ILE A 35 -13.69 -5.30 -1.47
CA ILE A 35 -13.78 -3.91 -0.97
C ILE A 35 -13.03 -2.84 -1.81
N TYR A 36 -11.87 -3.13 -2.38
CA TYR A 36 -11.17 -2.08 -3.12
C TYR A 36 -12.04 -1.49 -4.25
N PRO A 37 -12.68 -2.34 -5.08
CA PRO A 37 -13.45 -1.71 -6.16
C PRO A 37 -14.65 -1.00 -5.65
N LYS A 38 -15.20 -1.45 -4.51
CA LYS A 38 -16.39 -0.84 -3.96
C LYS A 38 -16.05 0.51 -3.32
N ALA A 39 -14.88 0.60 -2.71
CA ALA A 39 -14.43 1.83 -2.05
C ALA A 39 -13.88 2.86 -3.03
N LEU A 40 -13.25 2.36 -4.11
CA LEU A 40 -12.65 3.23 -5.11
C LEU A 40 -13.15 2.88 -6.54
N PRO A 41 -14.46 3.01 -6.76
CA PRO A 41 -15.15 2.56 -7.97
C PRO A 41 -14.63 3.29 -9.19
N ARG A 42 -14.07 4.49 -9.01
CA ARG A 42 -13.54 5.26 -10.14
C ARG A 42 -12.03 5.16 -10.26
N PHE A 43 -11.40 4.29 -9.47
CA PHE A 43 -9.95 4.12 -9.59
C PHE A 43 -9.48 2.66 -9.72
N ILE A 44 -10.07 1.78 -8.95
CA ILE A 44 -9.71 0.38 -8.94
C ILE A 44 -10.82 -0.42 -9.58
N GLU A 45 -10.55 -1.01 -10.74
CA GLU A 45 -11.53 -1.84 -11.43
C GLU A 45 -11.66 -3.20 -10.76
N LYS A 46 -10.54 -3.77 -10.39
CA LYS A 46 -10.56 -5.17 -9.94
C LYS A 46 -9.36 -5.40 -9.05
N ALA A 47 -9.52 -6.29 -8.07
CA ALA A 47 -8.44 -6.61 -7.14
C ALA A 47 -8.56 -8.11 -6.93
N GLU A 48 -7.51 -8.82 -7.25
CA GLU A 48 -7.59 -10.27 -7.31
C GLU A 48 -6.31 -10.88 -6.76
N THR A 49 -6.41 -12.14 -6.37
CA THR A 49 -5.25 -12.88 -5.92
C THR A 49 -4.79 -13.79 -7.06
N LEU A 50 -3.55 -13.63 -7.47
CA LEU A 50 -3.00 -14.46 -8.54
C LEU A 50 -2.35 -15.72 -8.03
N GLU A 51 -1.69 -15.65 -6.86
CA GLU A 51 -1.01 -16.79 -6.30
C GLU A 51 -1.07 -16.72 -4.79
N GLY A 52 -1.22 -17.87 -4.14
CA GLY A 52 -1.13 -17.91 -2.69
C GLY A 52 -2.48 -17.85 -1.99
N ASP A 53 -2.47 -18.08 -0.67
CA ASP A 53 -3.68 -18.19 0.12
C ASP A 53 -4.01 -16.93 0.92
N GLY A 54 -3.22 -15.86 0.74
CA GLY A 54 -3.44 -14.56 1.38
C GLY A 54 -2.32 -14.19 2.38
N GLY A 55 -1.52 -15.17 2.75
CA GLY A 55 -0.39 -14.99 3.62
C GLY A 55 0.86 -14.49 2.89
N PRO A 56 1.94 -14.32 3.65
CA PRO A 56 3.22 -13.92 3.07
C PRO A 56 3.56 -14.82 1.88
N GLY A 57 4.03 -14.19 0.79
CA GLY A 57 4.28 -14.82 -0.49
C GLY A 57 3.16 -14.72 -1.50
N THR A 58 1.98 -14.29 -1.04
CA THR A 58 0.82 -14.10 -1.92
C THR A 58 1.12 -12.97 -2.93
N ILE A 59 0.63 -13.15 -4.15
CA ILE A 59 0.73 -12.11 -5.16
C ILE A 59 -0.70 -11.69 -5.52
N LYS A 60 -0.98 -10.39 -5.37
CA LYS A 60 -2.27 -9.81 -5.73
C LYS A 60 -2.07 -8.87 -6.92
N LYS A 61 -3.12 -8.55 -7.63
CA LYS A 61 -3.03 -7.63 -8.76
C LYS A 61 -4.18 -6.69 -8.65
N LEU A 62 -3.85 -5.41 -8.68
CA LEU A 62 -4.85 -4.39 -8.83
C LEU A 62 -4.87 -3.96 -10.34
N THR A 63 -6.07 -3.97 -10.90
CA THR A 63 -6.30 -3.36 -12.22
C THR A 63 -6.99 -2.01 -12.03
N PHE A 64 -6.45 -0.96 -12.66
CA PHE A 64 -6.98 0.38 -12.50
C PHE A 64 -8.01 0.73 -13.58
N VAL A 65 -8.99 1.52 -13.22
CA VAL A 65 -10.00 2.04 -14.15
C VAL A 65 -9.34 2.98 -15.18
N GLY A 66 -9.67 2.81 -16.45
CA GLY A 66 -9.06 3.59 -17.52
C GLY A 66 -7.66 3.14 -17.87
N ASP A 67 -6.99 3.99 -18.64
CA ASP A 67 -5.69 3.67 -19.22
C ASP A 67 -4.54 3.84 -18.27
N PHE A 68 -4.67 3.25 -17.09
CA PHE A 68 -3.68 3.39 -16.05
C PHE A 68 -3.10 2.06 -15.69
N GLY A 69 -3.38 1.04 -16.50
CA GLY A 69 -2.67 -0.21 -16.34
C GLY A 69 -3.07 -1.04 -15.12
N SER A 70 -2.10 -1.77 -14.58
CA SER A 70 -2.36 -2.67 -13.45
C SER A 70 -1.04 -2.86 -12.74
N THR A 71 -1.11 -3.32 -11.48
CA THR A 71 0.09 -3.54 -10.74
CA THR A 71 0.07 -3.45 -10.64
C THR A 71 -0.02 -4.71 -9.76
N LYS A 72 1.07 -5.44 -9.67
CA LYS A 72 1.12 -6.58 -8.74
C LYS A 72 1.68 -6.17 -7.38
N GLN A 73 1.05 -6.67 -6.33
CA GLN A 73 1.52 -6.54 -4.95
C GLN A 73 2.00 -7.90 -4.45
N HIS A 74 3.21 -7.93 -3.91
CA HIS A 74 3.84 -9.12 -3.39
C HIS A 74 3.84 -9.01 -1.87
N ILE A 75 2.96 -9.78 -1.28
CA ILE A 75 2.68 -9.74 0.15
C ILE A 75 3.89 -10.29 0.98
N ASP A 76 4.39 -9.47 1.90
CA ASP A 76 5.55 -9.81 2.74
C ASP A 76 5.21 -10.20 4.19
N MET A 77 4.31 -9.45 4.80
CA MET A 77 4.04 -9.64 6.19
CA MET A 77 4.03 -9.53 6.22
C MET A 77 2.55 -9.40 6.38
N VAL A 78 1.95 -10.34 7.08
CA VAL A 78 0.52 -10.34 7.34
C VAL A 78 0.40 -10.67 8.81
N ASP A 79 -0.01 -9.69 9.63
CA ASP A 79 -0.09 -9.90 11.10
C ASP A 79 -1.44 -9.38 11.59
N ARG A 80 -2.41 -10.27 11.68
CA ARG A 80 -3.74 -9.85 12.08
C ARG A 80 -3.75 -9.40 13.51
N GLU A 81 -3.00 -10.09 14.38
CA GLU A 81 -3.01 -9.74 15.80
C GLU A 81 -2.60 -8.28 16.04
N ASN A 82 -1.61 -7.82 15.31
CA ASN A 82 -1.09 -6.47 15.40
C ASN A 82 -1.60 -5.51 14.33
N CYS A 83 -2.61 -5.96 13.58
CA CYS A 83 -3.13 -5.22 12.43
C CYS A 83 -2.03 -4.58 11.58
N ALA A 84 -1.13 -5.41 11.07
CA ALA A 84 0.02 -4.96 10.33
C ALA A 84 0.12 -5.70 9.00
N TYR A 85 0.51 -4.95 7.97
CA TYR A 85 0.51 -5.47 6.60
C TYR A 85 1.63 -4.81 5.81
N THR A 86 2.38 -5.64 5.08
CA THR A 86 3.48 -5.14 4.24
C THR A 86 3.47 -5.86 2.91
N TYR A 87 3.68 -5.08 1.85
CA TYR A 87 3.83 -5.68 0.53
C TYR A 87 4.77 -4.82 -0.32
N SER A 88 5.28 -5.43 -1.38
CA SER A 88 6.21 -4.81 -2.28
C SER A 88 5.66 -4.73 -3.70
N VAL A 89 6.11 -3.71 -4.41
CA VAL A 89 5.87 -3.54 -5.85
C VAL A 89 7.22 -3.49 -6.56
N TYR A 90 7.34 -4.24 -7.65
CA TYR A 90 8.60 -4.41 -8.32
C TYR A 90 8.61 -3.85 -9.74
N GLU A 91 7.45 -3.69 -10.34
CA GLU A 91 7.40 -3.34 -11.75
CA GLU A 91 7.25 -3.43 -11.76
C GLU A 91 6.67 -2.04 -12.02
N GLY A 92 7.13 -1.38 -13.07
CA GLY A 92 6.51 -0.14 -13.49
C GLY A 92 6.77 1.00 -12.51
N ILE A 93 7.90 0.91 -11.82
CA ILE A 93 8.19 1.86 -10.73
C ILE A 93 9.31 2.89 -10.99
N ALA A 94 10.02 2.76 -12.11
CA ALA A 94 11.05 3.74 -12.48
C ALA A 94 10.50 5.15 -12.64
N LEU A 95 11.27 6.12 -12.20
CA LEU A 95 11.09 7.50 -12.71
C LEU A 95 11.90 7.68 -13.96
N SER A 96 11.54 8.72 -14.70
CA SER A 96 12.26 9.12 -15.89
C SER A 96 13.76 9.16 -15.60
N ASP A 97 14.19 9.83 -14.53
N ASP A 97 14.12 9.84 -14.52
CA ASP A 97 15.64 9.91 -14.22
CA ASP A 97 15.50 9.97 -14.04
C ASP A 97 16.09 9.18 -12.91
C ASP A 97 16.00 8.67 -13.43
N GLN A 98 15.27 8.27 -12.40
CA GLN A 98 15.70 7.37 -11.30
C GLN A 98 15.03 5.98 -11.29
N PRO A 99 15.75 4.97 -11.77
CA PRO A 99 15.30 3.59 -11.61
C PRO A 99 15.12 3.23 -10.15
N LEU A 100 14.16 2.38 -9.85
CA LEU A 100 13.99 1.86 -8.49
C LEU A 100 14.03 0.34 -8.54
N GLU A 101 14.54 -0.26 -7.48
CA GLU A 101 14.61 -1.73 -7.29
C GLU A 101 13.26 -2.23 -6.78
N LYS A 102 12.65 -1.49 -5.87
CA LYS A 102 11.36 -1.84 -5.34
C LYS A 102 10.77 -0.70 -4.54
N ILE A 103 9.47 -0.76 -4.33
CA ILE A 103 8.78 0.08 -3.38
C ILE A 103 8.08 -0.83 -2.35
N VAL A 104 8.30 -0.57 -1.07
CA VAL A 104 7.64 -1.34 -0.01
C VAL A 104 6.60 -0.45 0.70
N PHE A 105 5.41 -0.98 0.87
CA PHE A 105 4.28 -0.31 1.48
C PHE A 105 3.99 -1.05 2.78
N GLU A 106 3.96 -0.33 3.89
CA GLU A 106 3.70 -0.95 5.19
C GLU A 106 2.61 -0.12 5.93
N PHE A 107 1.63 -0.80 6.51
CA PHE A 107 0.79 -0.09 7.47
C PHE A 107 0.67 -0.89 8.78
N LYS A 108 0.49 -0.16 9.87
CA LYS A 108 0.26 -0.69 11.20
C LYS A 108 -0.88 0.12 11.76
N LEU A 109 -1.93 -0.57 12.23
CA LEU A 109 -3.07 0.11 12.85
C LEU A 109 -3.05 -0.11 14.35
N VAL A 110 -3.14 0.98 15.09
CA VAL A 110 -3.02 0.96 16.54
C VAL A 110 -4.31 1.47 17.18
N PRO A 111 -4.97 0.61 17.96
CA PRO A 111 -6.20 1.05 18.61
C PRO A 111 -5.96 2.22 19.54
N THR A 112 -6.92 3.14 19.56
CA THR A 112 -6.95 4.23 20.51
C THR A 112 -8.03 3.92 21.52
N PRO A 113 -8.06 4.70 22.60
CA PRO A 113 -9.09 4.48 23.63
C PRO A 113 -10.51 4.68 23.09
N GLU A 114 -10.68 5.63 22.17
CA GLU A 114 -12.00 5.90 21.57
C GLU A 114 -12.52 4.72 20.73
N GLU A 115 -11.69 3.68 20.61
CA GLU A 115 -11.99 2.51 19.79
C GLU A 115 -11.88 2.75 18.29
N GLY A 116 -11.36 3.91 17.90
CA GLY A 116 -10.87 4.14 16.54
C GLY A 116 -9.46 3.60 16.47
N CYS A 117 -8.63 4.07 15.53
CA CYS A 117 -7.23 3.67 15.52
C CYS A 117 -6.34 4.71 14.85
N ILE A 118 -5.05 4.64 15.14
CA ILE A 118 -4.07 5.44 14.43
C ILE A 118 -3.61 4.55 13.31
N VAL A 119 -3.66 5.11 12.11
CA VAL A 119 -3.17 4.42 10.92
C VAL A 119 -1.78 4.91 10.61
N LYS A 120 -0.79 4.05 10.81
CA LYS A 120 0.59 4.36 10.58
C LYS A 120 1.02 3.79 9.24
N SER A 121 1.25 4.68 8.28
CA SER A 121 1.65 4.25 6.95
C SER A 121 3.09 4.59 6.70
N THR A 122 3.73 3.69 5.98
CA THR A 122 5.11 3.92 5.53
C THR A 122 5.27 3.49 4.08
N THR A 123 6.04 4.27 3.33
CA THR A 123 6.48 3.86 2.00
C THR A 123 8.01 3.88 2.01
N LYS A 124 8.62 2.88 1.40
CA LYS A 124 10.09 2.82 1.31
C LYS A 124 10.45 2.59 -0.14
N TYR A 125 11.22 3.53 -0.69
CA TYR A 125 11.76 3.45 -2.04
C TYR A 125 13.22 2.99 -1.98
N TYR A 126 13.49 1.93 -2.73
CA TYR A 126 14.82 1.37 -2.78
C TYR A 126 15.42 1.68 -4.13
N THR A 127 16.56 2.33 -4.09
CA THR A 127 17.06 2.88 -5.32
C THR A 127 17.99 1.97 -5.98
N LYS A 128 17.97 2.10 -7.30
CA LYS A 128 18.81 1.41 -8.24
C LYS A 128 19.74 2.46 -8.82
N GLY A 129 21.04 2.22 -8.73
CA GLY A 129 22.01 3.02 -9.44
C GLY A 129 23.07 3.45 -8.45
N ASP A 130 23.95 4.30 -8.94
CA ASP A 130 25.14 4.76 -8.22
C ASP A 130 24.95 6.15 -7.64
N ASP A 131 23.80 6.74 -7.91
CA ASP A 131 23.47 8.03 -7.35
C ASP A 131 21.97 8.12 -7.06
N ILE A 132 21.50 9.30 -6.66
CA ILE A 132 20.10 9.40 -6.24
C ILE A 132 19.48 10.75 -6.54
N GLU A 133 18.30 10.74 -7.11
CA GLU A 133 17.54 11.97 -7.26
C GLU A 133 16.06 11.73 -7.17
N LEU A 134 15.44 12.13 -6.06
CA LEU A 134 14.01 11.93 -5.90
C LEU A 134 13.35 13.20 -5.39
N SER A 135 12.29 13.66 -6.05
CA SER A 135 11.69 14.96 -5.74
C SER A 135 10.65 14.82 -4.63
N LYS A 136 10.41 15.93 -3.93
CA LYS A 136 9.33 15.98 -2.96
C LYS A 136 7.96 15.59 -3.50
N ASP A 137 7.58 16.08 -4.66
CA ASP A 137 6.26 15.76 -5.14
C ASP A 137 6.10 14.27 -5.37
N TYR A 138 7.14 13.63 -5.85
CA TYR A 138 7.08 12.20 -6.11
C TYR A 138 6.87 11.47 -4.76
N LEU A 139 7.79 11.75 -3.82
CA LEU A 139 7.81 11.03 -2.54
C LEU A 139 6.49 11.21 -1.86
N GLU A 140 5.94 12.38 -1.99
CA GLU A 140 4.62 12.63 -1.47
C GLU A 140 3.54 11.91 -2.24
N ALA A 141 3.66 11.81 -3.55
CA ALA A 141 2.57 11.21 -4.33
C ALA A 141 2.32 9.80 -3.77
N GLY A 142 3.40 9.08 -3.50
CA GLY A 142 3.38 7.66 -3.20
C GLY A 142 2.69 7.44 -1.88
N ILE A 143 3.11 8.15 -0.85
CA ILE A 143 2.52 7.92 0.46
C ILE A 143 1.09 8.51 0.45
N GLU A 144 0.81 9.59 -0.29
CA GLU A 144 -0.58 10.06 -0.36
C GLU A 144 -1.50 9.03 -1.05
N ARG A 145 -1.03 8.42 -2.13
CA ARG A 145 -1.83 7.44 -2.86
C ARG A 145 -2.19 6.28 -1.92
N PHE A 146 -1.18 5.81 -1.20
CA PHE A 146 -1.29 4.66 -0.34
C PHE A 146 -2.25 4.92 0.84
N GLU A 147 -1.99 6.03 1.54
CA GLU A 147 -2.87 6.46 2.62
C GLU A 147 -4.30 6.76 2.08
N GLY A 148 -4.41 7.30 0.88
CA GLY A 148 -5.69 7.47 0.19
C GLY A 148 -6.48 6.20 -0.09
N PHE A 149 -5.84 5.10 -0.51
CA PHE A 149 -6.50 3.79 -0.52
C PHE A 149 -7.09 3.43 0.83
N THR A 150 -6.29 3.47 1.89
CA THR A 150 -6.77 3.15 3.22
C THR A 150 -7.94 4.05 3.64
N LYS A 151 -7.82 5.34 3.38
CA LYS A 151 -8.91 6.27 3.71
C LYS A 151 -10.20 5.93 2.95
N ALA A 152 -10.08 5.52 1.69
CA ALA A 152 -11.26 5.23 0.89
C ALA A 152 -11.98 4.00 1.48
N VAL A 153 -11.19 3.04 1.94
CA VAL A 153 -11.74 1.84 2.52
C VAL A 153 -12.43 2.17 3.84
N GLU A 154 -11.78 2.97 4.67
CA GLU A 154 -12.35 3.41 5.94
C GLU A 154 -13.71 4.07 5.70
N SER A 155 -13.79 4.93 4.70
CA SER A 155 -15.05 5.63 4.43
C SER A 155 -16.16 4.69 3.97
N PHE A 156 -15.81 3.75 3.08
CA PHE A 156 -16.77 2.78 2.60
C PHE A 156 -17.33 1.93 3.75
N LEU A 157 -16.45 1.49 4.65
CA LEU A 157 -16.86 0.62 5.73
C LEU A 157 -17.70 1.33 6.79
N LEU A 158 -17.39 2.58 7.06
CA LEU A 158 -18.22 3.35 7.98
C LEU A 158 -19.60 3.47 7.35
N ALA A 159 -19.63 3.74 6.07
CA ALA A 159 -20.90 3.92 5.36
C ALA A 159 -21.68 2.61 5.19
N ASN A 160 -20.98 1.50 5.08
CA ASN A 160 -21.59 0.20 4.85
C ASN A 160 -21.11 -0.88 5.79
N PRO A 161 -21.67 -0.96 6.98
CA PRO A 161 -21.18 -1.87 8.01
C PRO A 161 -21.22 -3.33 7.56
N ASP A 162 -22.12 -3.70 6.66
CA ASP A 162 -22.10 -5.06 6.11
C ASP A 162 -21.44 -5.29 4.74
N TYR A 163 -20.87 -4.23 4.16
CA TYR A 163 -20.26 -4.28 2.81
C TYR A 163 -21.30 -4.03 1.71
O16 ZEA B . 5.47 5.57 -6.10
C14 ZEA B . 4.69 6.61 -6.56
C13 ZEA B . 3.26 6.25 -6.40
C15 ZEA B . 2.24 7.26 -6.82
C12 ZEA B . 2.88 4.90 -5.81
C11 ZEA B . 1.47 4.51 -5.49
N10 ZEA B . 1.11 3.16 -5.90
C6 ZEA B . 0.59 2.32 -4.84
C5 ZEA B . 0.36 0.99 -5.15
N9 ZEA B . 0.56 0.24 -6.27
C4 ZEA B . -0.10 0.17 -4.13
N7 ZEA B . -0.23 -1.07 -4.68
C8 ZEA B . 0.20 -1.04 -5.95
N3 ZEA B . -0.35 0.67 -2.90
C2 ZEA B . -0.16 1.97 -2.62
N1 ZEA B . 0.30 2.76 -3.62
C1 MLI C . 10.82 -1.02 -15.30
C2 MLI C . 10.17 -0.12 -14.30
C3 MLI C . 10.39 -2.45 -15.25
O6 MLI C . 10.29 -0.31 -13.04
O7 MLI C . 9.47 0.84 -14.77
O8 MLI C . 11.23 -3.38 -15.33
O9 MLI C . 9.16 -2.71 -15.09
NA NA D . -7.91 -0.23 -17.02
NA NA E . 1.51 -1.05 -13.13
NA NA F . 23.20 0.43 -6.65
#